data_6QKV
#
_entry.id   6QKV
#
_cell.length_a   85.661
_cell.length_b   167.114
_cell.length_c   48.924
_cell.angle_alpha   90.00
_cell.angle_beta   90.00
_cell.angle_gamma   90.00
#
_symmetry.space_group_name_H-M   'C 2 2 21'
#
loop_
_entity.id
_entity.type
_entity.pdbx_description
1 polymer "tRNA (cytidine(34)-2'-O)-methyltransferase"
2 non-polymer 'SULFATE ION'
3 non-polymer GLYCEROL
4 water water
#
_entity_poly.entity_id   1
_entity_poly.type   'polypeptide(L)'
_entity_poly.pdbx_seq_one_letter_code
;SHMFHVILFQPEIPPNTGNIIRLCANAGCSLHLIEPLGFELDDKRLRRAGLDYHEYASVRRYPYLQSCLEALGQPRLFAF
TTKGSRAFHEVAYQRGDAFLFGPESRGLPEDVRNALPTDRRLRLPMREGCRSLNLSNTVAVTVYEAWRQLGFAMD
;
_entity_poly.pdbx_strand_id   A,B
#
loop_
_chem_comp.id
_chem_comp.type
_chem_comp.name
_chem_comp.formula
GOL non-polymer GLYCEROL 'C3 H8 O3'
SO4 non-polymer 'SULFATE ION' 'O4 S -2'
#
# COMPACT_ATOMS: atom_id res chain seq x y z
N SER A 1 -5.95 17.10 14.17
CA SER A 1 -7.08 16.25 13.80
C SER A 1 -6.72 15.36 12.61
N HIS A 2 -7.14 14.11 12.64
CA HIS A 2 -6.70 13.13 11.66
C HIS A 2 -7.87 12.62 10.85
N MET A 3 -7.64 12.48 9.53
CA MET A 3 -8.69 12.01 8.64
C MET A 3 -9.18 10.61 9.01
N PHE A 4 -8.26 9.64 9.17
CA PHE A 4 -8.62 8.28 9.56
C PHE A 4 -7.72 7.82 10.71
N HIS A 5 -8.13 6.73 11.37
CA HIS A 5 -7.39 6.14 12.48
C HIS A 5 -7.04 4.70 12.12
N VAL A 6 -5.75 4.38 12.10
CA VAL A 6 -5.31 3.01 11.83
C VAL A 6 -5.06 2.34 13.17
N ILE A 7 -5.62 1.17 13.36
CA ILE A 7 -5.45 0.41 14.60
C ILE A 7 -4.82 -0.93 14.23
N LEU A 8 -3.63 -1.19 14.78
CA LEU A 8 -2.95 -2.46 14.59
C LEU A 8 -3.13 -3.28 15.87
N PHE A 9 -3.78 -4.44 15.74
CA PHE A 9 -4.02 -5.33 16.87
C PHE A 9 -2.83 -6.26 17.02
N GLN A 10 -2.10 -6.10 18.12
CA GLN A 10 -0.94 -6.93 18.47
C GLN A 10 0.07 -7.12 17.34
N PRO A 11 0.58 -6.03 16.76
CA PRO A 11 1.51 -6.17 15.63
C PRO A 11 2.80 -6.84 16.09
N GLU A 12 3.39 -7.62 15.19
CA GLU A 12 4.49 -8.50 15.50
C GLU A 12 5.82 -8.12 14.85
N ILE A 13 5.82 -7.49 13.67
CA ILE A 13 7.00 -7.35 12.83
C ILE A 13 7.41 -5.88 12.79
N PRO A 14 8.56 -5.51 13.35
CA PRO A 14 8.87 -4.07 13.54
C PRO A 14 8.84 -3.28 12.24
N PRO A 15 9.46 -3.77 11.15
CA PRO A 15 9.48 -2.96 9.92
C PRO A 15 8.10 -2.70 9.32
N ASN A 16 7.14 -3.60 9.53
CA ASN A 16 5.77 -3.34 9.08
C ASN A 16 5.21 -2.10 9.74
N THR A 17 5.36 -2.00 11.06
CA THR A 17 4.87 -0.84 11.79
C THR A 17 5.62 0.42 11.39
N GLY A 18 6.93 0.30 11.17
CA GLY A 18 7.68 1.44 10.65
C GLY A 18 7.14 1.93 9.33
N ASN A 19 6.91 1.02 8.37
CA ASN A 19 6.32 1.43 7.10
C ASN A 19 4.93 2.01 7.29
N ILE A 20 4.18 1.49 8.27
CA ILE A 20 2.83 2.02 8.47
C ILE A 20 2.88 3.41 9.09
N ILE A 21 3.86 3.70 9.95
CA ILE A 21 4.02 5.06 10.47
C ILE A 21 4.23 6.04 9.34
N ARG A 22 5.12 5.70 8.40
CA ARG A 22 5.35 6.59 7.26
C ARG A 22 4.07 6.77 6.45
N LEU A 23 3.33 5.68 6.22
CA LEU A 23 2.08 5.81 5.48
C LEU A 23 1.11 6.74 6.18
N CYS A 24 0.99 6.60 7.50
CA CYS A 24 0.02 7.43 8.22
C CYS A 24 0.42 8.89 8.18
N ALA A 25 1.72 9.18 8.29
CA ALA A 25 2.16 10.57 8.17
C ALA A 25 1.83 11.14 6.79
N ASN A 26 2.04 10.35 5.74
CA ASN A 26 1.72 10.82 4.39
C ASN A 26 0.22 11.04 4.22
N ALA A 27 -0.61 10.17 4.75
CA ALA A 27 -2.04 10.26 4.46
C ALA A 27 -2.83 11.02 5.52
N GLY A 28 -2.19 11.41 6.62
CA GLY A 28 -2.88 12.16 7.65
C GLY A 28 -3.66 11.32 8.64
N CYS A 29 -3.27 10.06 8.82
CA CYS A 29 -3.93 9.14 9.74
C CYS A 29 -3.22 9.12 11.08
N SER A 30 -3.99 8.88 12.14
CA SER A 30 -3.40 8.55 13.43
C SER A 30 -3.18 7.05 13.50
N LEU A 31 -2.20 6.63 14.31
CA LEU A 31 -1.81 5.24 14.41
C LEU A 31 -1.90 4.80 15.86
N HIS A 32 -2.53 3.65 16.09
CA HIS A 32 -2.79 3.13 17.42
C HIS A 32 -2.41 1.66 17.42
N LEU A 33 -1.67 1.24 18.44
CA LEU A 33 -1.18 -0.13 18.56
C LEU A 33 -1.74 -0.76 19.82
N ILE A 34 -2.29 -1.97 19.69
CA ILE A 34 -2.88 -2.68 20.82
C ILE A 34 -1.88 -3.71 21.31
N GLU A 35 -1.48 -3.57 22.58
CA GLU A 35 -0.55 -4.48 23.22
C GLU A 35 -1.16 -5.87 23.40
N PRO A 36 -0.32 -6.91 23.60
CA PRO A 36 1.14 -6.85 23.53
C PRO A 36 1.67 -6.75 22.09
N LEU A 37 2.74 -6.01 21.90
CA LEU A 37 3.45 -5.94 20.63
C LEU A 37 4.53 -7.01 20.58
N GLY A 38 4.87 -7.43 19.37
CA GLY A 38 5.93 -8.42 19.24
C GLY A 38 7.32 -7.84 19.22
N PHE A 39 7.46 -6.54 19.45
CA PHE A 39 8.73 -5.85 19.36
C PHE A 39 8.67 -4.68 20.32
N GLU A 40 9.84 -4.17 20.67
CA GLU A 40 9.89 -2.95 21.46
C GLU A 40 9.89 -1.75 20.55
N LEU A 41 9.11 -0.72 20.94
CA LEU A 41 8.94 0.49 20.15
C LEU A 41 10.21 1.34 20.21
N ASP A 42 11.24 0.84 19.53
CA ASP A 42 12.64 1.19 19.77
C ASP A 42 12.86 2.38 20.69
N ALA A 49 15.63 3.67 11.53
CA ALA A 49 15.03 2.84 10.49
C ALA A 49 14.59 3.70 9.31
N GLY A 50 14.82 5.00 9.41
CA GLY A 50 14.52 5.94 8.34
C GLY A 50 13.48 7.00 8.65
N LEU A 51 12.77 6.93 9.78
CA LEU A 51 11.64 7.81 10.02
C LEU A 51 12.01 9.00 10.90
N ASP A 52 11.24 10.09 10.74
CA ASP A 52 11.45 11.36 11.41
C ASP A 52 10.79 11.36 12.80
N TYR A 53 10.86 12.50 13.48
CA TYR A 53 10.24 12.64 14.80
C TYR A 53 8.74 12.88 14.67
N HIS A 54 8.34 13.82 13.83
CA HIS A 54 6.94 14.22 13.67
C HIS A 54 6.07 13.12 13.06
N GLU A 55 6.67 11.99 12.71
CA GLU A 55 5.94 10.77 12.40
C GLU A 55 5.89 9.82 13.59
N TYR A 56 7.05 9.56 14.17
CA TYR A 56 7.28 8.47 15.11
C TYR A 56 6.71 8.77 16.50
N ALA A 57 6.62 10.05 16.86
CA ALA A 57 6.26 10.43 18.23
C ALA A 57 4.76 10.49 18.47
N SER A 58 3.94 10.53 17.42
CA SER A 58 2.49 10.57 17.56
C SER A 58 1.86 9.19 17.68
N VAL A 59 2.65 8.13 17.59
CA VAL A 59 2.11 6.77 17.63
C VAL A 59 1.75 6.40 19.06
N ARG A 60 0.53 5.91 19.25
CA ARG A 60 0.00 5.64 20.57
C ARG A 60 -0.20 4.14 20.78
N ARG A 61 0.06 3.68 22.01
CA ARG A 61 -0.17 2.29 22.40
C ARG A 61 -1.27 2.21 23.45
N TYR A 62 -1.98 1.09 23.48
CA TYR A 62 -3.06 0.84 24.43
C TYR A 62 -3.00 -0.59 24.90
N PRO A 63 -3.36 -0.84 26.17
CA PRO A 63 -3.37 -2.23 26.67
C PRO A 63 -4.44 -3.10 26.02
N TYR A 64 -5.58 -2.53 25.63
CA TYR A 64 -6.73 -3.27 25.12
C TYR A 64 -7.36 -2.48 23.98
N LEU A 65 -8.01 -3.21 23.08
CA LEU A 65 -8.69 -2.56 21.97
C LEU A 65 -9.77 -1.60 22.46
N GLN A 66 -10.52 -1.99 23.48
CA GLN A 66 -11.55 -1.11 24.00
C GLN A 66 -10.96 0.18 24.54
N SER A 67 -9.77 0.14 25.15
CA SER A 67 -9.16 1.37 25.65
C SER A 67 -8.90 2.33 24.49
N CYS A 68 -8.47 1.78 23.36
CA CYS A 68 -8.22 2.61 22.19
C CYS A 68 -9.52 3.20 21.66
N LEU A 69 -10.55 2.38 21.51
CA LEU A 69 -11.82 2.86 20.97
C LEU A 69 -12.43 3.94 21.87
N GLU A 70 -12.28 3.78 23.19
CA GLU A 70 -12.79 4.80 24.09
C GLU A 70 -12.05 6.12 23.92
N ALA A 71 -10.72 6.06 23.82
CA ALA A 71 -9.94 7.27 23.59
C ALA A 71 -10.28 7.94 22.27
N LEU A 72 -10.69 7.16 21.26
CA LEU A 72 -11.07 7.71 19.97
C LEU A 72 -12.53 8.18 19.92
N GLY A 73 -13.28 8.02 21.00
CA GLY A 73 -14.67 8.43 20.97
C GLY A 73 -15.59 7.46 20.26
N GLN A 74 -15.26 6.16 20.29
CA GLN A 74 -16.08 5.15 19.63
C GLN A 74 -16.31 5.47 18.16
N PRO A 75 -15.23 5.60 17.38
CA PRO A 75 -15.40 5.89 15.94
C PRO A 75 -16.09 4.77 15.20
N ARG A 76 -16.62 5.13 14.03
CA ARG A 76 -17.04 4.11 13.07
C ARG A 76 -15.86 3.20 12.76
N LEU A 77 -16.07 1.89 12.86
CA LEU A 77 -14.95 0.96 12.89
C LEU A 77 -15.13 -0.13 11.84
N PHE A 78 -14.08 -0.38 11.05
CA PHE A 78 -14.05 -1.46 10.08
C PHE A 78 -12.90 -2.41 10.39
N ALA A 79 -13.16 -3.70 10.28
CA ALA A 79 -12.13 -4.72 10.51
C ALA A 79 -11.79 -5.39 9.20
N PHE A 80 -10.50 -5.47 8.89
CA PHE A 80 -10.07 -6.00 7.60
C PHE A 80 -9.58 -7.41 7.82
N THR A 81 -10.34 -8.37 7.29
CA THR A 81 -10.12 -9.79 7.57
C THR A 81 -10.49 -10.60 6.33
N THR A 82 -9.65 -11.56 5.97
CA THR A 82 -9.97 -12.48 4.89
C THR A 82 -11.31 -13.17 5.14
N LYS A 83 -11.64 -13.38 6.41
CA LYS A 83 -12.94 -13.90 6.79
C LYS A 83 -14.00 -12.81 6.73
N GLY A 84 -13.80 -11.83 5.84
CA GLY A 84 -14.72 -10.73 5.69
C GLY A 84 -15.79 -11.01 4.66
N SER A 85 -16.98 -10.49 4.93
CA SER A 85 -18.17 -10.74 4.13
C SER A 85 -18.30 -9.82 2.92
N ARG A 86 -17.34 -8.92 2.69
CA ARG A 86 -17.61 -7.80 1.81
C ARG A 86 -16.30 -7.17 1.36
N ALA A 87 -16.22 -6.81 0.07
CA ALA A 87 -15.00 -6.20 -0.44
C ALA A 87 -14.86 -4.77 0.08
N PHE A 88 -13.61 -4.41 0.44
CA PHE A 88 -13.32 -3.14 1.11
C PHE A 88 -13.70 -1.93 0.25
N HIS A 89 -13.69 -2.06 -1.07
CA HIS A 89 -13.98 -0.91 -1.91
C HIS A 89 -15.47 -0.64 -2.05
N GLU A 90 -16.34 -1.50 -1.51
CA GLU A 90 -17.77 -1.24 -1.57
C GLU A 90 -18.24 -0.21 -0.57
N VAL A 91 -17.44 0.10 0.44
CA VAL A 91 -17.83 1.01 1.51
C VAL A 91 -17.66 2.45 1.04
N ALA A 92 -18.52 3.34 1.53
CA ALA A 92 -18.35 4.79 1.37
C ALA A 92 -17.68 5.30 2.65
N TYR A 93 -16.37 5.52 2.59
CA TYR A 93 -15.66 5.89 3.80
C TYR A 93 -15.89 7.37 4.11
N GLN A 94 -15.58 7.76 5.33
CA GLN A 94 -15.79 9.14 5.71
C GLN A 94 -14.76 9.52 6.76
N ARG A 95 -14.61 10.83 6.96
CA ARG A 95 -13.65 11.35 7.94
C ARG A 95 -13.93 10.76 9.32
N GLY A 96 -12.85 10.41 10.03
CA GLY A 96 -12.92 9.86 11.37
C GLY A 96 -13.11 8.35 11.42
N ASP A 97 -13.23 7.69 10.29
CA ASP A 97 -13.35 6.24 10.26
C ASP A 97 -12.07 5.61 10.82
N ALA A 98 -12.24 4.49 11.52
CA ALA A 98 -11.12 3.74 12.07
C ALA A 98 -11.02 2.38 11.39
N PHE A 99 -9.79 1.95 11.11
CA PHE A 99 -9.51 0.74 10.35
C PHE A 99 -8.69 -0.19 11.22
N LEU A 100 -9.20 -1.40 11.47
CA LEU A 100 -8.62 -2.35 12.42
C LEU A 100 -7.99 -3.53 11.67
N PHE A 101 -6.71 -3.79 11.92
CA PHE A 101 -5.98 -4.88 11.27
C PHE A 101 -5.41 -5.85 12.29
N GLY A 102 -5.43 -7.15 11.96
CA GLY A 102 -4.88 -8.16 12.83
C GLY A 102 -3.38 -8.28 12.70
N PRO A 103 -2.81 -9.10 13.58
CA PRO A 103 -1.36 -9.34 13.52
C PRO A 103 -0.99 -10.15 12.27
N GLU A 104 0.30 -10.09 11.95
CA GLU A 104 0.82 -10.69 10.72
C GLU A 104 0.58 -12.20 10.69
N SER A 105 0.85 -12.88 11.81
CA SER A 105 0.86 -14.34 11.83
C SER A 105 -0.45 -14.97 12.29
N ARG A 106 -1.40 -14.17 12.85
CA ARG A 106 -2.63 -14.72 13.46
C ARG A 106 -3.92 -14.08 12.95
N GLY A 107 -3.94 -12.79 12.63
CA GLY A 107 -5.24 -12.21 12.34
C GLY A 107 -6.17 -12.03 13.54
N LEU A 108 -7.26 -11.28 13.36
CA LEU A 108 -8.05 -10.79 14.49
C LEU A 108 -8.74 -11.93 15.23
N PRO A 109 -8.82 -11.88 16.56
CA PRO A 109 -9.58 -12.90 17.29
C PRO A 109 -11.05 -12.90 16.89
N GLU A 110 -11.63 -14.11 16.95
CA GLU A 110 -13.04 -14.28 16.59
C GLU A 110 -13.92 -13.30 17.34
N ASP A 111 -13.69 -13.11 18.64
CA ASP A 111 -14.54 -12.25 19.44
C ASP A 111 -14.43 -10.79 19.01
N VAL A 112 -13.27 -10.37 18.48
CA VAL A 112 -13.14 -9.01 18.00
C VAL A 112 -13.88 -8.83 16.68
N ARG A 113 -13.66 -9.75 15.75
CA ARG A 113 -14.32 -9.69 14.45
C ARG A 113 -15.83 -9.71 14.58
N ASN A 114 -16.36 -10.56 15.45
CA ASN A 114 -17.81 -10.70 15.55
C ASN A 114 -18.47 -9.57 16.31
N ALA A 115 -17.70 -8.74 17.00
CA ALA A 115 -18.26 -7.54 17.61
C ALA A 115 -18.73 -6.53 16.57
N LEU A 116 -18.30 -6.66 15.33
CA LEU A 116 -18.66 -5.73 14.29
C LEU A 116 -19.80 -6.28 13.47
N PRO A 117 -20.67 -5.41 12.96
CA PRO A 117 -21.66 -5.84 11.96
C PRO A 117 -21.00 -6.56 10.80
N THR A 118 -21.74 -7.48 10.20
CA THR A 118 -21.24 -8.25 9.07
C THR A 118 -20.75 -7.37 7.93
N ASP A 119 -21.46 -6.29 7.65
CA ASP A 119 -21.06 -5.44 6.55
C ASP A 119 -19.83 -4.59 6.88
N ARG A 120 -19.27 -4.68 8.08
CA ARG A 120 -18.06 -3.93 8.41
C ARG A 120 -16.86 -4.85 8.64
N ARG A 121 -16.99 -6.13 8.32
CA ARG A 121 -15.85 -7.03 8.24
C ARG A 121 -15.45 -7.09 6.78
N LEU A 122 -14.32 -6.49 6.44
CA LEU A 122 -13.99 -6.27 5.04
C LEU A 122 -12.79 -7.09 4.62
N ARG A 123 -12.75 -7.44 3.32
CA ARG A 123 -11.60 -8.14 2.77
C ARG A 123 -11.10 -7.42 1.53
N LEU A 124 -9.80 -7.51 1.28
CA LEU A 124 -9.28 -7.10 -0.01
C LEU A 124 -9.49 -8.24 -1.01
N PRO A 125 -9.58 -7.94 -2.30
CA PRO A 125 -9.71 -9.01 -3.31
C PRO A 125 -8.46 -9.88 -3.33
N MET A 126 -8.63 -11.18 -3.11
CA MET A 126 -7.54 -12.16 -3.11
C MET A 126 -7.73 -13.17 -4.24
N ARG A 127 -6.65 -13.48 -4.94
CA ARG A 127 -6.66 -14.58 -5.91
C ARG A 127 -6.51 -15.90 -5.16
N GLU A 128 -7.36 -16.87 -5.48
CA GLU A 128 -7.30 -18.12 -4.76
C GLU A 128 -5.93 -18.79 -4.97
N GLY A 129 -5.42 -19.44 -3.92
CA GLY A 129 -4.13 -20.09 -4.00
C GLY A 129 -2.93 -19.21 -3.73
N CYS A 130 -3.14 -17.92 -3.44
CA CYS A 130 -2.03 -17.00 -3.23
C CYS A 130 -1.74 -16.81 -1.75
N ARG A 131 -0.49 -16.45 -1.47
CA ARG A 131 -0.07 -16.03 -0.15
C ARG A 131 -0.76 -14.73 0.25
N SER A 132 -0.82 -14.51 1.55
CA SER A 132 -1.34 -13.25 2.08
C SER A 132 -0.50 -12.07 1.57
N LEU A 133 -1.12 -10.89 1.53
CA LEU A 133 -0.36 -9.67 1.32
C LEU A 133 0.40 -9.29 2.60
N ASN A 134 1.53 -8.64 2.43
CA ASN A 134 2.23 -8.05 3.56
C ASN A 134 1.32 -7.05 4.27
N LEU A 135 1.42 -7.01 5.61
CA LEU A 135 0.50 -6.20 6.42
C LEU A 135 0.54 -4.71 6.03
N SER A 136 1.74 -4.15 5.94
CA SER A 136 1.80 -2.70 5.64
C SER A 136 1.26 -2.40 4.24
N ASN A 137 1.45 -3.30 3.26
CA ASN A 137 0.79 -3.13 1.96
C ASN A 137 -0.73 -3.14 2.09
N THR A 138 -1.27 -4.04 2.90
CA THR A 138 -2.72 -4.09 3.12
C THR A 138 -3.23 -2.79 3.73
N VAL A 139 -2.51 -2.27 4.74
CA VAL A 139 -2.93 -1.00 5.34
C VAL A 139 -2.88 0.11 4.29
N ALA A 140 -1.79 0.16 3.50
CA ALA A 140 -1.63 1.24 2.53
C ALA A 140 -2.75 1.22 1.50
N VAL A 141 -3.08 0.05 0.97
CA VAL A 141 -4.12 -0.06 -0.05
C VAL A 141 -5.47 0.38 0.51
N THR A 142 -5.79 -0.07 1.73
CA THR A 142 -7.01 0.33 2.42
C THR A 142 -7.07 1.83 2.62
N VAL A 143 -6.00 2.40 3.19
CA VAL A 143 -6.01 3.83 3.51
C VAL A 143 -6.09 4.67 2.24
N TYR A 144 -5.42 4.24 1.16
CA TYR A 144 -5.45 5.06 -0.04
C TYR A 144 -6.79 4.95 -0.76
N GLU A 145 -7.49 3.83 -0.60
CA GLU A 145 -8.83 3.75 -1.17
C GLU A 145 -9.77 4.69 -0.45
N ALA A 146 -9.73 4.67 0.90
CA ALA A 146 -10.55 5.60 1.67
C ALA A 146 -10.18 7.04 1.37
N TRP A 147 -8.88 7.34 1.30
CA TRP A 147 -8.42 8.69 0.99
C TRP A 147 -8.85 9.12 -0.41
N ARG A 148 -8.75 8.21 -1.39
CA ARG A 148 -9.21 8.52 -2.74
C ARG A 148 -10.68 8.92 -2.77
N GLN A 149 -11.52 8.21 -2.00
CA GLN A 149 -12.95 8.53 -1.98
C GLN A 149 -13.22 9.92 -1.44
N LEU A 150 -12.28 10.47 -0.68
CA LEU A 150 -12.37 11.82 -0.13
C LEU A 150 -11.51 12.82 -0.92
N GLY A 151 -11.21 12.52 -2.19
CA GLY A 151 -10.49 13.45 -3.03
C GLY A 151 -9.03 13.63 -2.70
N PHE A 152 -8.45 12.74 -1.88
CA PHE A 152 -7.09 12.94 -1.38
C PHE A 152 -6.94 14.26 -0.63
N ALA A 153 -8.01 14.72 0.02
CA ALA A 153 -7.97 15.99 0.73
C ALA A 153 -6.88 15.99 1.80
N MET A 154 -6.24 17.15 1.98
CA MET A 154 -5.20 17.28 2.99
C MET A 154 -5.74 17.76 4.33
N ASP A 155 -6.93 18.37 4.34
CA ASP A 155 -7.55 18.95 5.55
C ASP A 155 -6.53 19.61 6.46
N SER B 1 -1.37 -12.24 -20.68
CA SER B 1 -1.85 -13.16 -19.67
C SER B 1 -1.77 -12.57 -18.25
N HIS B 2 -0.79 -11.71 -18.02
CA HIS B 2 -0.75 -10.92 -16.80
C HIS B 2 -1.45 -9.58 -17.05
N MET B 3 -2.23 -9.13 -16.07
CA MET B 3 -3.01 -7.90 -16.27
C MET B 3 -2.13 -6.66 -16.36
N PHE B 4 -1.19 -6.52 -15.43
CA PHE B 4 -0.26 -5.39 -15.43
C PHE B 4 1.16 -5.92 -15.36
N HIS B 5 2.12 -5.04 -15.63
CA HIS B 5 3.54 -5.38 -15.53
C HIS B 5 4.21 -4.37 -14.60
N VAL B 6 4.79 -4.87 -13.52
CA VAL B 6 5.50 -4.04 -12.57
C VAL B 6 6.99 -4.12 -12.88
N ILE B 7 7.61 -2.96 -13.07
CA ILE B 7 9.03 -2.89 -13.42
C ILE B 7 9.75 -2.13 -12.32
N LEU B 8 10.67 -2.80 -11.64
CA LEU B 8 11.46 -2.17 -10.60
C LEU B 8 12.83 -1.80 -11.17
N PHE B 9 13.16 -0.53 -11.11
CA PHE B 9 14.43 -0.04 -11.60
C PHE B 9 15.44 -0.08 -10.47
N GLN B 10 16.32 -1.09 -10.48
CA GLN B 10 17.43 -1.19 -9.55
C GLN B 10 16.95 -1.21 -8.10
N PRO B 11 16.08 -2.16 -7.73
CA PRO B 11 15.61 -2.26 -6.35
C PRO B 11 16.72 -2.67 -5.40
N GLU B 12 16.63 -2.18 -4.18
CA GLU B 12 17.72 -2.31 -3.22
C GLU B 12 17.43 -3.24 -2.05
N ILE B 13 16.23 -3.20 -1.49
CA ILE B 13 15.92 -3.85 -0.22
C ILE B 13 15.18 -5.16 -0.51
N PRO B 14 15.68 -6.31 -0.06
CA PRO B 14 15.04 -7.60 -0.40
C PRO B 14 13.61 -7.69 0.12
N PRO B 15 13.36 -7.38 1.40
CA PRO B 15 11.97 -7.49 1.92
C PRO B 15 10.93 -6.80 1.05
N ASN B 16 11.26 -5.62 0.49
CA ASN B 16 10.33 -4.98 -0.43
C ASN B 16 9.99 -5.91 -1.59
N THR B 17 10.97 -6.70 -2.06
CA THR B 17 10.73 -7.56 -3.21
C THR B 17 9.90 -8.78 -2.83
N GLY B 18 10.13 -9.35 -1.65
CA GLY B 18 9.24 -10.38 -1.15
C GLY B 18 7.80 -9.90 -1.02
N ASN B 19 7.61 -8.68 -0.51
CA ASN B 19 6.27 -8.11 -0.45
C ASN B 19 5.68 -7.90 -1.84
N ILE B 20 6.50 -7.44 -2.78
CA ILE B 20 6.01 -7.11 -4.12
C ILE B 20 5.69 -8.37 -4.92
N ILE B 21 6.50 -9.41 -4.75
CA ILE B 21 6.15 -10.72 -5.33
C ILE B 21 4.76 -11.13 -4.89
N ARG B 22 4.48 -11.03 -3.60
CA ARG B 22 3.18 -11.44 -3.09
C ARG B 22 2.07 -10.54 -3.63
N LEU B 23 2.32 -9.24 -3.70
CA LEU B 23 1.34 -8.33 -4.27
C LEU B 23 1.05 -8.67 -5.73
N CYS B 24 2.10 -8.87 -6.54
CA CYS B 24 1.89 -9.17 -7.95
C CYS B 24 1.15 -10.48 -8.15
N ALA B 25 1.49 -11.50 -7.34
CA ALA B 25 0.81 -12.79 -7.48
C ALA B 25 -0.69 -12.63 -7.21
N ASN B 26 -1.02 -11.74 -6.27
CA ASN B 26 -2.42 -11.55 -5.94
C ASN B 26 -3.15 -10.73 -7.01
N ALA B 27 -2.54 -9.63 -7.47
CA ALA B 27 -3.19 -8.80 -8.47
C ALA B 27 -3.08 -9.35 -9.89
N GLY B 28 -2.27 -10.39 -10.11
CA GLY B 28 -2.11 -10.92 -11.45
C GLY B 28 -1.12 -10.14 -12.28
N CYS B 29 -0.05 -9.64 -11.67
CA CYS B 29 0.94 -8.84 -12.36
C CYS B 29 2.20 -9.65 -12.59
N SER B 30 2.88 -9.38 -13.69
CA SER B 30 4.24 -9.85 -13.85
C SER B 30 5.19 -8.85 -13.19
N LEU B 31 6.38 -9.33 -12.82
CA LEU B 31 7.37 -8.54 -12.10
C LEU B 31 8.70 -8.58 -12.85
N HIS B 32 9.30 -7.41 -13.01
CA HIS B 32 10.49 -7.24 -13.85
C HIS B 32 11.47 -6.34 -13.13
N LEU B 33 12.72 -6.81 -12.99
CA LEU B 33 13.76 -6.06 -12.29
C LEU B 33 14.85 -5.64 -13.28
N ILE B 34 15.10 -4.33 -13.36
CA ILE B 34 16.17 -3.81 -14.20
C ILE B 34 17.45 -3.81 -13.37
N GLU B 35 18.46 -4.53 -13.84
CA GLU B 35 19.71 -4.69 -13.09
C GLU B 35 20.52 -3.40 -13.15
N PRO B 36 21.48 -3.23 -12.21
CA PRO B 36 21.75 -4.19 -11.14
C PRO B 36 20.87 -4.01 -9.89
N LEU B 37 20.71 -5.11 -9.14
CA LEU B 37 19.97 -5.14 -7.88
C LEU B 37 20.92 -4.94 -6.70
N GLY B 38 20.35 -5.01 -5.50
CA GLY B 38 21.14 -4.94 -4.28
C GLY B 38 20.97 -6.14 -3.36
N PHE B 39 20.63 -7.30 -3.92
CA PHE B 39 20.45 -8.51 -3.11
C PHE B 39 20.41 -9.79 -3.95
N SER B 58 6.89 -15.51 -12.80
CA SER B 58 6.45 -14.20 -13.30
C SER B 58 7.42 -13.07 -12.95
N VAL B 59 8.63 -13.43 -12.47
CA VAL B 59 9.63 -12.48 -12.00
C VAL B 59 10.93 -12.72 -12.76
N ARG B 60 11.40 -11.68 -13.48
CA ARG B 60 12.54 -11.80 -14.38
C ARG B 60 13.46 -10.59 -14.23
N ARG B 61 14.67 -10.72 -14.77
CA ARG B 61 15.71 -9.71 -14.67
C ARG B 61 16.17 -9.27 -16.06
N TYR B 62 16.61 -8.02 -16.16
CA TYR B 62 16.98 -7.43 -17.44
C TYR B 62 18.18 -6.53 -17.25
N PRO B 63 19.00 -6.35 -18.30
CA PRO B 63 20.21 -5.54 -18.17
C PRO B 63 19.96 -4.04 -18.25
N TYR B 64 18.94 -3.64 -18.98
CA TYR B 64 18.61 -2.23 -19.14
C TYR B 64 17.13 -2.15 -19.50
N LEU B 65 16.59 -0.93 -19.44
CA LEU B 65 15.13 -0.77 -19.44
C LEU B 65 14.52 -1.17 -20.79
N GLN B 66 15.12 -0.75 -21.91
CA GLN B 66 14.48 -1.00 -23.19
C GLN B 66 14.33 -2.48 -23.49
N SER B 67 15.25 -3.32 -22.99
CA SER B 67 15.16 -4.75 -23.24
C SER B 67 13.96 -5.37 -22.55
N CYS B 68 13.59 -4.86 -21.37
CA CYS B 68 12.35 -5.27 -20.73
C CYS B 68 11.14 -4.82 -21.54
N LEU B 69 11.12 -3.55 -21.93
CA LEU B 69 10.00 -3.05 -22.73
C LEU B 69 9.83 -3.87 -24.00
N GLU B 70 10.94 -4.16 -24.68
CA GLU B 70 10.86 -4.98 -25.88
C GLU B 70 10.33 -6.37 -25.58
N ALA B 71 10.90 -7.05 -24.59
CA ALA B 71 10.47 -8.41 -24.28
C ALA B 71 8.99 -8.44 -23.92
N LEU B 72 8.45 -7.33 -23.42
CA LEU B 72 7.05 -7.23 -23.05
C LEU B 72 6.15 -6.82 -24.22
N GLY B 73 6.71 -6.59 -25.41
CA GLY B 73 5.90 -6.14 -26.52
C GLY B 73 5.65 -4.65 -26.53
N GLN B 74 6.51 -3.87 -25.89
CA GLN B 74 6.39 -2.42 -25.81
C GLN B 74 5.05 -1.92 -25.29
N PRO B 75 4.70 -2.26 -24.05
CA PRO B 75 3.39 -1.86 -23.51
C PRO B 75 3.36 -0.38 -23.21
N ARG B 76 2.14 0.12 -22.99
CA ARG B 76 1.98 1.46 -22.45
C ARG B 76 2.73 1.56 -21.13
N LEU B 77 3.51 2.62 -20.93
CA LEU B 77 4.40 2.71 -19.78
C LEU B 77 4.12 3.98 -18.99
N PHE B 78 3.93 3.81 -17.68
CA PHE B 78 3.81 4.90 -16.73
C PHE B 78 4.94 4.79 -15.71
N ALA B 79 5.47 5.93 -15.29
CA ALA B 79 6.51 5.98 -14.27
C ALA B 79 6.00 6.78 -13.09
N PHE B 80 6.34 6.32 -11.89
CA PHE B 80 5.77 6.86 -10.66
C PHE B 80 6.88 7.54 -9.88
N THR B 81 6.69 8.83 -9.62
CA THR B 81 7.77 9.69 -9.17
C THR B 81 7.18 10.87 -8.43
N THR B 82 7.96 11.42 -7.49
CA THR B 82 7.56 12.65 -6.83
C THR B 82 7.53 13.81 -7.82
N LYS B 83 8.42 13.80 -8.81
CA LYS B 83 8.50 14.84 -9.83
C LYS B 83 7.28 14.81 -10.75
N GLY B 84 6.32 13.93 -10.45
CA GLY B 84 5.26 13.65 -11.40
C GLY B 84 4.35 14.83 -11.66
N SER B 85 3.95 14.98 -12.92
CA SER B 85 3.11 16.08 -13.40
C SER B 85 1.63 15.82 -13.20
N ARG B 86 1.25 14.66 -12.68
CA ARG B 86 -0.12 14.19 -12.80
C ARG B 86 -0.38 13.17 -11.71
N ALA B 87 -1.52 13.30 -11.04
CA ALA B 87 -1.89 12.36 -10.00
C ALA B 87 -2.19 10.99 -10.61
N PHE B 88 -1.74 9.93 -9.93
CA PHE B 88 -1.85 8.59 -10.48
C PHE B 88 -3.30 8.17 -10.69
N HIS B 89 -4.24 8.73 -9.94
CA HIS B 89 -5.62 8.26 -10.05
C HIS B 89 -6.40 8.96 -11.14
N GLU B 90 -5.76 9.84 -11.92
CA GLU B 90 -6.42 10.53 -13.03
C GLU B 90 -6.28 9.79 -14.35
N VAL B 91 -5.35 8.84 -14.44
CA VAL B 91 -5.19 7.98 -15.61
C VAL B 91 -6.30 6.94 -15.67
N ALA B 92 -6.72 6.61 -16.88
CA ALA B 92 -7.57 5.43 -17.10
C ALA B 92 -6.67 4.27 -17.49
N TYR B 93 -6.47 3.33 -16.55
CA TYR B 93 -5.57 2.21 -16.79
C TYR B 93 -6.24 1.12 -17.64
N GLN B 94 -5.40 0.30 -18.27
CA GLN B 94 -5.86 -0.76 -19.16
C GLN B 94 -5.06 -2.03 -18.91
N ARG B 95 -5.69 -3.18 -19.19
CA ARG B 95 -4.95 -4.43 -19.26
C ARG B 95 -3.68 -4.26 -20.08
N GLY B 96 -2.57 -4.78 -19.56
CA GLY B 96 -1.30 -4.72 -20.24
C GLY B 96 -0.43 -3.53 -19.90
N ASP B 97 -0.95 -2.54 -19.18
CA ASP B 97 -0.15 -1.40 -18.78
C ASP B 97 1.06 -1.84 -17.95
N ALA B 98 2.13 -1.06 -18.07
CA ALA B 98 3.37 -1.30 -17.34
C ALA B 98 3.65 -0.10 -16.46
N PHE B 99 4.12 -0.38 -15.25
CA PHE B 99 4.35 0.62 -14.21
C PHE B 99 5.82 0.55 -13.79
N LEU B 100 6.50 1.67 -13.88
CA LEU B 100 7.93 1.76 -13.61
C LEU B 100 8.18 2.50 -12.29
N PHE B 101 8.94 1.89 -11.39
CA PHE B 101 9.24 2.48 -10.09
C PHE B 101 10.76 2.59 -9.90
N GLY B 102 11.19 3.71 -9.33
CA GLY B 102 12.59 3.93 -9.03
C GLY B 102 13.01 3.31 -7.72
N PRO B 103 14.33 3.36 -7.47
CA PRO B 103 14.88 2.70 -6.27
C PRO B 103 14.58 3.45 -4.98
N GLU B 104 14.75 2.70 -3.87
CA GLU B 104 14.56 3.24 -2.52
C GLU B 104 15.53 4.36 -2.17
N SER B 105 16.78 4.26 -2.62
CA SER B 105 17.89 5.09 -2.13
C SER B 105 17.94 6.43 -2.88
N ARG B 106 17.82 6.45 -4.25
CA ARG B 106 18.01 7.75 -4.96
C ARG B 106 16.94 8.03 -6.05
N GLY B 107 16.20 7.05 -6.50
CA GLY B 107 14.96 7.27 -7.26
C GLY B 107 15.18 7.20 -8.77
N LEU B 108 14.10 7.34 -9.55
CA LEU B 108 14.32 7.10 -11.00
C LEU B 108 15.41 8.05 -11.54
N PRO B 109 16.42 7.53 -12.25
CA PRO B 109 17.37 8.43 -12.91
C PRO B 109 16.63 9.48 -13.74
N GLU B 110 17.24 10.67 -13.81
CA GLU B 110 16.64 11.80 -14.52
C GLU B 110 16.37 11.44 -15.98
N ASP B 111 17.35 10.83 -16.65
CA ASP B 111 17.20 10.55 -18.08
C ASP B 111 16.24 9.41 -18.35
N VAL B 112 15.96 8.56 -17.37
CA VAL B 112 14.92 7.55 -17.56
C VAL B 112 13.55 8.20 -17.44
N ARG B 113 13.34 8.98 -16.38
CA ARG B 113 12.06 9.67 -16.20
C ARG B 113 11.77 10.61 -17.36
N ASN B 114 12.78 11.32 -17.86
CA ASN B 114 12.48 12.28 -18.91
C ASN B 114 12.25 11.62 -20.26
N ALA B 115 12.54 10.32 -20.39
CA ALA B 115 12.15 9.53 -21.57
C ALA B 115 10.68 9.13 -21.55
N LEU B 116 9.94 9.46 -20.49
CA LEU B 116 8.51 9.24 -20.59
C LEU B 116 7.80 10.55 -20.93
N PRO B 117 6.72 10.49 -21.70
CA PRO B 117 5.88 11.69 -21.87
C PRO B 117 5.46 12.25 -20.53
N THR B 118 5.26 13.57 -20.50
CA THR B 118 4.97 14.27 -19.25
C THR B 118 3.67 13.78 -18.62
N ASP B 119 2.65 13.54 -19.42
CA ASP B 119 1.40 13.04 -18.89
C ASP B 119 1.49 11.60 -18.42
N ARG B 120 2.63 10.92 -18.58
CA ARG B 120 2.77 9.57 -18.06
C ARG B 120 3.78 9.49 -16.92
N ARG B 121 4.19 10.62 -16.35
CA ARG B 121 4.98 10.63 -15.13
C ARG B 121 4.06 11.03 -14.00
N LEU B 122 3.67 10.06 -13.17
CA LEU B 122 2.61 10.22 -12.21
C LEU B 122 3.16 10.25 -10.79
N ARG B 123 2.46 10.94 -9.92
CA ARG B 123 2.85 11.03 -8.51
C ARG B 123 1.72 10.51 -7.64
N LEU B 124 2.11 9.92 -6.49
CA LEU B 124 1.06 9.65 -5.52
C LEU B 124 0.85 10.88 -4.64
N PRO B 125 -0.36 11.07 -4.13
CA PRO B 125 -0.63 12.27 -3.33
C PRO B 125 0.26 12.30 -2.10
N MET B 126 0.92 13.44 -1.89
CA MET B 126 1.92 13.63 -0.87
C MET B 126 1.55 14.82 -0.01
N ARG B 127 1.58 14.64 1.31
CA ARG B 127 1.51 15.76 2.24
C ARG B 127 2.84 16.51 2.23
N GLU B 128 2.77 17.83 2.35
CA GLU B 128 3.98 18.64 2.31
C GLU B 128 4.92 18.26 3.45
N GLY B 129 6.21 18.21 3.14
CA GLY B 129 7.19 17.85 4.15
C GLY B 129 7.25 16.39 4.53
N CYS B 130 6.65 15.52 3.72
CA CYS B 130 6.63 14.09 4.00
C CYS B 130 7.59 13.35 3.08
N ARG B 131 8.23 12.32 3.60
CA ARG B 131 9.02 11.46 2.73
C ARG B 131 8.11 10.53 1.93
N SER B 132 8.66 9.98 0.85
CA SER B 132 7.93 9.03 0.02
C SER B 132 7.50 7.80 0.83
N LEU B 133 6.50 7.11 0.31
CA LEU B 133 6.15 5.81 0.85
C LEU B 133 7.29 4.81 0.61
N ASN B 134 7.32 3.79 1.45
CA ASN B 134 8.08 2.59 1.17
C ASN B 134 7.84 2.17 -0.29
N LEU B 135 8.83 1.50 -0.89
CA LEU B 135 8.71 1.09 -2.29
C LEU B 135 7.57 0.11 -2.50
N SER B 136 7.49 -0.93 -1.65
CA SER B 136 6.45 -1.93 -1.85
C SER B 136 5.07 -1.36 -1.57
N ASN B 137 4.96 -0.39 -0.64
CA ASN B 137 3.67 0.29 -0.45
C ASN B 137 3.27 1.12 -1.68
N THR B 138 4.24 1.75 -2.34
CA THR B 138 3.94 2.54 -3.54
C THR B 138 3.42 1.63 -4.64
N VAL B 139 4.10 0.50 -4.85
CA VAL B 139 3.64 -0.48 -5.81
C VAL B 139 2.24 -0.96 -5.44
N ALA B 140 2.03 -1.32 -4.17
CA ALA B 140 0.74 -1.85 -3.77
C ALA B 140 -0.39 -0.86 -4.08
N VAL B 141 -0.24 0.40 -3.64
CA VAL B 141 -1.28 1.40 -3.88
C VAL B 141 -1.50 1.63 -5.38
N THR B 142 -0.40 1.70 -6.15
CA THR B 142 -0.52 1.93 -7.59
C THR B 142 -1.29 0.81 -8.29
N VAL B 143 -0.86 -0.44 -8.06
CA VAL B 143 -1.47 -1.58 -8.73
C VAL B 143 -2.93 -1.75 -8.31
N TYR B 144 -3.23 -1.55 -7.03
CA TYR B 144 -4.62 -1.74 -6.60
C TYR B 144 -5.55 -0.66 -7.14
N GLU B 145 -5.05 0.55 -7.36
CA GLU B 145 -5.88 1.57 -8.01
C GLU B 145 -6.17 1.19 -9.47
N ALA B 146 -5.13 0.79 -10.21
CA ALA B 146 -5.34 0.26 -11.57
C ALA B 146 -6.28 -0.93 -11.56
N TRP B 147 -6.06 -1.88 -10.64
CA TRP B 147 -6.91 -3.06 -10.56
C TRP B 147 -8.35 -2.68 -10.23
N ARG B 148 -8.54 -1.72 -9.31
CA ARG B 148 -9.87 -1.24 -8.98
C ARG B 148 -10.59 -0.72 -10.22
N GLN B 149 -9.88 0.02 -11.07
CA GLN B 149 -10.49 0.55 -12.28
C GLN B 149 -10.93 -0.57 -13.22
N LEU B 150 -10.25 -1.71 -13.18
CA LEU B 150 -10.66 -2.86 -13.98
C LEU B 150 -11.57 -3.80 -13.20
N GLY B 151 -12.19 -3.31 -12.13
CA GLY B 151 -13.17 -4.09 -11.40
C GLY B 151 -12.60 -5.23 -10.60
N PHE B 152 -11.30 -5.21 -10.32
CA PHE B 152 -10.63 -6.30 -9.61
C PHE B 152 -10.81 -7.65 -10.31
N ALA B 153 -10.97 -7.63 -11.63
CA ALA B 153 -11.11 -8.86 -12.39
C ALA B 153 -9.91 -9.79 -12.18
N MET B 154 -10.20 -11.06 -11.91
CA MET B 154 -9.16 -12.08 -11.86
C MET B 154 -8.75 -12.59 -13.23
N ASP B 155 -9.55 -12.30 -14.25
CA ASP B 155 -9.38 -12.86 -15.61
C ASP B 155 -8.84 -14.28 -15.61
S SO4 C . 4.25 -10.17 6.63
O1 SO4 C . 5.10 -9.78 5.48
O2 SO4 C . 3.71 -11.51 6.39
O3 SO4 C . 5.10 -10.14 7.78
O4 SO4 C . 3.12 -9.25 6.88
S SO4 D . -21.62 1.58 3.60
O1 SO4 D . -21.25 0.25 3.13
O2 SO4 D . -23.07 1.60 3.84
O3 SO4 D . -20.98 1.84 4.88
O4 SO4 D . -21.22 2.58 2.64
S SO4 E . -7.34 -12.87 8.80
O1 SO4 E . -7.05 -14.11 8.08
O2 SO4 E . -7.55 -11.80 7.83
O3 SO4 E . -6.17 -12.55 9.61
O4 SO4 E . -8.51 -13.03 9.66
S SO4 F . -11.46 -3.56 28.64
O1 SO4 F . -10.96 -4.31 29.78
O2 SO4 F . -11.05 -4.21 27.40
O3 SO4 F . -10.95 -2.18 28.67
O4 SO4 F . -12.92 -3.51 28.69
C1 GOL G . -16.98 4.62 -5.60
O1 GOL G . -16.24 4.40 -4.43
C2 GOL G . -16.01 5.07 -6.74
O2 GOL G . -16.50 4.76 -8.00
C3 GOL G . -15.81 6.59 -6.56
O3 GOL G . -15.19 7.04 -7.73
C1 GOL H . -9.05 13.90 16.98
O1 GOL H . -10.36 13.89 16.50
C2 GOL H . -8.27 12.86 16.13
O2 GOL H . -8.03 13.32 14.85
C3 GOL H . -6.96 12.60 16.93
O3 GOL H . -6.40 11.42 16.42
C1 GOL I . -12.72 -6.69 22.48
O1 GOL I . -13.61 -7.74 22.82
C2 GOL I . -11.25 -7.22 22.67
O2 GOL I . -11.19 -8.61 22.68
C3 GOL I . -10.76 -6.58 23.99
O3 GOL I . -9.73 -7.38 24.50
H11 GOL I . -12.84 -6.39 21.57
H12 GOL I . -12.85 -5.91 23.04
HO1 GOL I . -14.40 -7.44 22.69
H2 GOL I . -10.70 -6.96 21.92
HO2 GOL I . -11.04 -8.88 21.90
H31 GOL I . -10.49 -5.66 23.81
H32 GOL I . -11.51 -6.49 24.60
HO3 GOL I . -9.30 -6.92 25.06
S SO4 J . -5.12 8.80 -19.99
O1 SO4 J . -4.78 8.03 -21.19
O2 SO4 J . -6.19 8.14 -19.27
O3 SO4 J . -3.92 8.91 -19.16
O4 SO4 J . -5.56 10.14 -20.39
S SO4 K . 11.32 9.74 -6.72
O1 SO4 K . 11.42 8.35 -6.30
O2 SO4 K . 11.37 9.83 -8.17
O3 SO4 K . 12.42 10.52 -6.16
O4 SO4 K . 10.05 10.28 -6.22
C1 GOL L . -0.14 -9.15 -21.93
O1 GOL L . -0.69 -8.53 -20.81
C2 GOL L . 1.10 -8.30 -22.33
O2 GOL L . 1.89 -8.96 -23.28
C3 GOL L . 0.51 -6.98 -22.89
O3 GOL L . 1.21 -5.93 -22.28
C1 GOL M . 2.59 -12.37 -20.33
O1 GOL M . 1.90 -11.24 -19.91
C2 GOL M . 3.92 -11.90 -21.00
O2 GOL M . 3.73 -11.48 -22.30
C3 GOL M . 4.47 -10.76 -20.11
O3 GOL M . 5.30 -11.35 -19.14
#